data_3SJ9
#
_entry.id   3SJ9
#
_cell.length_a   62.519
_cell.length_b   62.519
_cell.length_c   110.093
_cell.angle_alpha   90.00
_cell.angle_beta   90.00
_cell.angle_gamma   90.00
#
_symmetry.space_group_name_H-M   'P 43 21 2'
#
loop_
_entity.id
_entity.type
_entity.pdbx_description
1 polymer '3C protease'
2 polymer 'FAGLRQAVTQ peptide'
3 water water
#
loop_
_entity_poly.entity_id
_entity_poly.type
_entity_poly.pdbx_seq_one_letter_code
_entity_poly.pdbx_strand_id
1 'polypeptide(L)'
;MGPSLDFALSLLRRNIRQVQTDQGHFTMLGVRDRLAILPRHSQPGKTIWVEHKLINVLDAVELVDEQGVNLELTLVTLDT
NEKFRDVTKFIPETITGASDATLIINTEHMPSMFVPVGDVVQYGFLNLSGKPTHRTMMYNFPTKAGQAGGVVTSVGKIIG
IHIGGNGRQGFCAGLKRGYFASEQHHHHHH
;
A
2 'polypeptide(L)' FAGLRQAVTQ B
#
# COMPACT_ATOMS: atom_id res chain seq x y z
N LEU A 5 18.54 -4.59 5.17
CA LEU A 5 17.92 -3.65 4.24
C LEU A 5 17.98 -4.14 2.81
N ASP A 6 18.59 -5.30 2.59
CA ASP A 6 18.74 -5.85 1.26
C ASP A 6 17.39 -6.01 0.57
N PHE A 7 16.43 -6.61 1.28
CA PHE A 7 15.11 -6.83 0.73
C PHE A 7 14.42 -5.52 0.36
N ALA A 8 14.31 -4.62 1.34
CA ALA A 8 13.70 -3.32 1.12
C ALA A 8 14.36 -2.57 -0.04
N LEU A 9 15.67 -2.77 -0.16
CA LEU A 9 16.46 -2.12 -1.20
C LEU A 9 16.12 -2.67 -2.59
N SER A 10 16.04 -4.00 -2.68
CA SER A 10 15.75 -4.67 -3.94
C SER A 10 14.29 -4.48 -4.34
N LEU A 11 13.42 -4.32 -3.36
CA LEU A 11 12.02 -4.09 -3.58
C LEU A 11 11.69 -2.71 -4.05
N LEU A 12 12.33 -1.70 -3.51
CA LEU A 12 12.33 -0.37 -4.05
C LEU A 12 12.75 -0.20 -5.50
N ARG A 13 13.79 -0.90 -5.88
CA ARG A 13 14.36 -0.81 -7.19
C ARG A 13 13.54 -1.56 -8.21
N ARG A 14 13.11 -2.75 -7.87
CA ARG A 14 12.38 -3.53 -8.82
C ARG A 14 10.89 -3.31 -8.88
N ASN A 15 10.29 -2.71 -7.87
CA ASN A 15 8.87 -2.90 -7.64
C ASN A 15 8.12 -1.70 -7.19
N ILE A 16 8.82 -0.78 -6.58
CA ILE A 16 8.17 0.38 -5.99
C ILE A 16 8.37 1.65 -6.83
N ARG A 17 7.27 2.27 -7.23
CA ARG A 17 7.30 3.38 -8.16
C ARG A 17 6.66 4.66 -7.62
N GLN A 18 7.14 5.80 -8.12
CA GLN A 18 6.55 7.09 -7.80
C GLN A 18 5.32 7.30 -8.69
N VAL A 19 4.21 7.67 -8.06
CA VAL A 19 2.93 7.72 -8.76
C VAL A 19 2.14 8.99 -8.43
N GLN A 20 1.33 9.42 -9.40
CA GLN A 20 0.39 10.51 -9.17
C GLN A 20 -1.00 10.16 -9.70
N THR A 21 -2.03 10.53 -8.94
CA THR A 21 -3.41 10.41 -9.40
C THR A 21 -4.08 11.77 -9.25
N ASP A 22 -5.38 11.83 -9.48
CA ASP A 22 -6.11 13.08 -9.29
C ASP A 22 -6.10 13.50 -7.83
N GLN A 23 -5.76 12.56 -6.95
CA GLN A 23 -5.76 12.83 -5.52
C GLN A 23 -4.39 13.20 -4.98
N GLY A 24 -3.38 13.21 -5.85
CA GLY A 24 -2.04 13.61 -5.47
C GLY A 24 -0.98 12.54 -5.63
N HIS A 25 0.08 12.64 -4.85
CA HIS A 25 1.22 11.74 -4.94
C HIS A 25 1.05 10.52 -4.05
N PHE A 26 1.37 9.35 -4.60
CA PHE A 26 1.28 8.11 -3.85
C PHE A 26 2.47 7.21 -4.16
N THR A 27 2.73 6.25 -3.27
CA THR A 27 3.70 5.21 -3.53
C THR A 27 2.95 4.01 -4.10
N MET A 28 3.52 3.35 -5.10
CA MET A 28 2.86 2.22 -5.72
C MET A 28 3.75 0.98 -5.77
N LEU A 29 3.19 -0.14 -5.34
CA LEU A 29 3.88 -1.42 -5.41
C LEU A 29 3.41 -2.22 -6.61
N GLY A 30 4.33 -2.49 -7.54
CA GLY A 30 4.06 -3.42 -8.60
C GLY A 30 4.20 -4.82 -8.05
N VAL A 31 3.15 -5.63 -8.19
CA VAL A 31 3.13 -6.97 -7.61
C VAL A 31 3.67 -8.03 -8.55
N ARG A 32 3.15 -8.06 -9.78
CA ARG A 32 3.64 -8.99 -10.80
C ARG A 32 3.06 -8.74 -12.18
N ASP A 33 3.91 -8.79 -13.19
CA ASP A 33 3.52 -8.44 -14.56
C ASP A 33 3.03 -7.01 -14.44
N ARG A 34 1.81 -6.77 -14.90
CA ARG A 34 1.27 -5.42 -15.01
C ARG A 34 0.26 -5.15 -13.91
N LEU A 35 0.29 -5.99 -12.87
CA LEU A 35 -0.57 -5.81 -11.71
C LEU A 35 0.17 -5.02 -10.63
N ALA A 36 -0.50 -4.00 -10.10
CA ALA A 36 0.06 -3.16 -9.05
C ALA A 36 -1.01 -2.84 -8.02
N ILE A 37 -0.61 -2.32 -6.87
CA ILE A 37 -1.56 -2.03 -5.81
C ILE A 37 -1.43 -0.59 -5.30
N LEU A 38 -2.57 0.03 -5.01
CA LEU A 38 -2.63 1.40 -4.54
C LEU A 38 -3.64 1.52 -3.40
N PRO A 39 -3.53 2.59 -2.59
CA PRO A 39 -4.54 2.79 -1.54
C PRO A 39 -5.82 3.21 -2.23
N ARG A 40 -6.96 2.71 -1.77
CA ARG A 40 -8.21 2.97 -2.47
C ARG A 40 -8.54 4.45 -2.63
N HIS A 41 -8.20 5.25 -1.62
CA HIS A 41 -8.55 6.68 -1.65
C HIS A 41 -7.74 7.47 -2.68
N SER A 42 -6.76 6.82 -3.30
CA SER A 42 -6.01 7.43 -4.38
C SER A 42 -6.86 7.48 -5.65
N GLN A 43 -7.92 6.69 -5.68
CA GLN A 43 -8.85 6.64 -6.80
C GLN A 43 -8.13 6.74 -8.14
N PRO A 44 -7.43 5.67 -8.53
CA PRO A 44 -6.69 5.61 -9.80
C PRO A 44 -7.60 5.94 -10.98
N GLY A 45 -8.62 5.11 -11.21
CA GLY A 45 -9.54 5.34 -12.31
C GLY A 45 -9.04 4.79 -13.64
N LYS A 46 -9.14 5.62 -14.67
CA LYS A 46 -8.78 5.22 -16.04
C LYS A 46 -7.30 5.42 -16.32
N THR A 47 -6.66 6.35 -15.60
CA THR A 47 -5.27 6.69 -15.86
C THR A 47 -4.54 7.08 -14.58
N ILE A 48 -3.22 6.90 -14.59
CA ILE A 48 -2.36 7.43 -13.53
C ILE A 48 -1.05 7.90 -14.14
N TRP A 49 -0.31 8.72 -13.39
CA TRP A 49 1.03 9.10 -13.80
C TRP A 49 2.05 8.26 -13.06
N VAL A 50 2.79 7.45 -13.80
CA VAL A 50 3.85 6.63 -13.22
C VAL A 50 5.21 7.17 -13.65
N GLU A 51 5.92 7.81 -12.73
CA GLU A 51 7.22 8.40 -13.05
C GLU A 51 7.06 9.44 -14.17
N HIS A 52 6.00 10.23 -14.08
CA HIS A 52 5.73 11.33 -15.02
C HIS A 52 5.25 10.89 -16.41
N LYS A 53 5.07 9.59 -16.59
CA LYS A 53 4.43 9.05 -17.79
C LYS A 53 2.94 8.80 -17.56
N LEU A 54 2.09 9.30 -18.45
CA LEU A 54 0.66 9.09 -18.34
C LEU A 54 0.29 7.68 -18.85
N ILE A 55 -0.14 6.84 -17.92
CA ILE A 55 -0.44 5.44 -18.23
C ILE A 55 -1.94 5.17 -18.14
N ASN A 56 -2.43 4.33 -19.06
CA ASN A 56 -3.83 3.87 -19.00
C ASN A 56 -4.00 2.73 -18.01
N VAL A 57 -5.07 2.79 -17.23
CA VAL A 57 -5.42 1.71 -16.32
C VAL A 57 -6.47 0.81 -16.98
N LEU A 58 -6.08 -0.41 -17.29
CA LEU A 58 -6.94 -1.35 -18.01
C LEU A 58 -8.00 -1.95 -17.10
N ASP A 59 -7.71 -1.98 -15.80
CA ASP A 59 -8.62 -2.60 -14.85
C ASP A 59 -8.32 -2.10 -13.44
N ALA A 60 -9.37 -1.85 -12.67
CA ALA A 60 -9.23 -1.41 -11.28
C ALA A 60 -10.24 -2.10 -10.39
N VAL A 61 -9.73 -2.85 -9.40
CA VAL A 61 -10.59 -3.59 -8.48
C VAL A 61 -10.37 -3.11 -7.05
N GLU A 62 -11.46 -2.67 -6.41
CA GLU A 62 -11.40 -2.22 -5.03
C GLU A 62 -11.77 -3.34 -4.07
N LEU A 63 -10.83 -3.73 -3.22
CA LEU A 63 -11.01 -4.86 -2.33
C LEU A 63 -11.95 -4.54 -1.16
N VAL A 64 -12.97 -5.36 -1.00
CA VAL A 64 -13.88 -5.30 0.14
C VAL A 64 -14.04 -6.70 0.71
N ASP A 65 -14.54 -6.81 1.94
CA ASP A 65 -14.75 -8.13 2.53
C ASP A 65 -16.15 -8.66 2.21
N GLU A 66 -16.46 -9.85 2.73
CA GLU A 66 -17.72 -10.51 2.39
C GLU A 66 -18.95 -9.67 2.73
N GLN A 67 -18.81 -8.72 3.63
CA GLN A 67 -19.89 -7.83 3.96
C GLN A 67 -19.82 -6.51 3.21
N GLY A 68 -18.85 -6.38 2.32
CA GLY A 68 -18.70 -5.19 1.51
C GLY A 68 -18.01 -4.04 2.20
N VAL A 69 -17.34 -4.32 3.32
CA VAL A 69 -16.61 -3.29 4.05
C VAL A 69 -15.25 -3.01 3.43
N ASN A 70 -14.93 -1.74 3.27
CA ASN A 70 -13.69 -1.30 2.65
C ASN A 70 -12.44 -1.94 3.25
N LEU A 71 -11.51 -2.35 2.37
CA LEU A 71 -10.21 -2.84 2.80
C LEU A 71 -9.13 -1.84 2.38
N GLU A 72 -9.56 -0.78 1.70
CA GLU A 72 -8.71 0.35 1.35
C GLU A 72 -7.60 -0.02 0.37
N LEU A 73 -7.81 -1.08 -0.40
CA LEU A 73 -6.85 -1.53 -1.39
C LEU A 73 -7.47 -1.51 -2.78
N THR A 74 -6.69 -1.08 -3.76
CA THR A 74 -7.15 -1.09 -5.15
C THR A 74 -6.11 -1.73 -6.06
N LEU A 75 -6.46 -2.89 -6.60
CA LEU A 75 -5.61 -3.59 -7.56
C LEU A 75 -5.78 -2.99 -8.95
N VAL A 76 -4.67 -2.57 -9.55
CA VAL A 76 -4.73 -1.97 -10.88
C VAL A 76 -3.92 -2.76 -11.89
N THR A 77 -4.50 -2.97 -13.07
CA THR A 77 -3.78 -3.56 -14.19
C THR A 77 -3.36 -2.45 -15.14
N LEU A 78 -2.05 -2.27 -15.28
CA LEU A 78 -1.51 -1.16 -16.06
C LEU A 78 -1.33 -1.50 -17.53
N ASP A 79 -1.59 -0.52 -18.39
CA ASP A 79 -1.35 -0.67 -19.82
C ASP A 79 0.10 -0.29 -20.12
N THR A 80 1.00 -1.24 -19.96
CA THR A 80 2.42 -1.01 -20.23
C THR A 80 3.12 -2.31 -20.60
N ASN A 81 4.19 -2.20 -21.38
CA ASN A 81 4.96 -3.38 -21.76
C ASN A 81 5.82 -3.85 -20.59
N GLU A 82 6.21 -2.91 -19.74
CA GLU A 82 7.03 -3.20 -18.57
C GLU A 82 6.36 -4.22 -17.64
N LYS A 83 7.11 -5.25 -17.28
CA LYS A 83 6.61 -6.27 -16.35
C LYS A 83 7.30 -6.19 -15.00
N PHE A 84 6.51 -6.17 -13.93
CA PHE A 84 7.05 -6.24 -12.58
C PHE A 84 7.44 -7.68 -12.27
N ARG A 85 8.60 -7.87 -11.65
CA ARG A 85 8.97 -9.20 -11.19
C ARG A 85 8.02 -9.65 -10.08
N ASP A 86 7.67 -10.94 -10.11
CA ASP A 86 6.68 -11.49 -9.19
C ASP A 86 7.17 -11.43 -7.75
N VAL A 87 6.48 -10.67 -6.91
CA VAL A 87 6.84 -10.57 -5.50
C VAL A 87 5.76 -11.13 -4.59
N THR A 88 4.82 -11.89 -5.16
CA THR A 88 3.76 -12.50 -4.37
C THR A 88 4.31 -13.49 -3.35
N LYS A 89 5.50 -14.01 -3.61
CA LYS A 89 6.12 -14.98 -2.70
C LYS A 89 6.64 -14.34 -1.42
N PHE A 90 6.73 -13.01 -1.41
CA PHE A 90 7.14 -12.29 -0.21
C PHE A 90 5.94 -11.79 0.58
N ILE A 91 4.75 -12.00 0.03
CA ILE A 91 3.50 -11.61 0.67
C ILE A 91 2.92 -12.80 1.45
N PRO A 92 2.82 -12.67 2.78
CA PRO A 92 2.34 -13.76 3.64
C PRO A 92 0.92 -14.21 3.27
N GLU A 93 0.61 -15.47 3.58
CA GLU A 93 -0.70 -16.03 3.25
C GLU A 93 -1.81 -15.52 4.18
N THR A 94 -1.44 -15.13 5.39
CA THR A 94 -2.40 -14.50 6.31
C THR A 94 -1.83 -13.18 6.82
N ILE A 95 -2.73 -12.24 7.09
CA ILE A 95 -2.34 -10.92 7.57
C ILE A 95 -1.68 -11.02 8.93
N THR A 96 -0.38 -10.74 8.98
CA THR A 96 0.39 -10.93 10.20
C THR A 96 1.17 -9.67 10.60
N GLY A 97 1.24 -9.43 11.91
CA GLY A 97 2.03 -8.33 12.44
C GLY A 97 3.51 -8.59 12.23
N ALA A 98 4.34 -7.64 12.63
CA ALA A 98 5.78 -7.79 12.47
C ALA A 98 6.58 -7.04 13.53
N SER A 99 7.85 -7.36 13.62
CA SER A 99 8.77 -6.64 14.49
C SER A 99 9.73 -5.80 13.65
N ASP A 100 9.93 -4.55 14.05
CA ASP A 100 10.87 -3.66 13.39
C ASP A 100 10.63 -3.56 11.89
N ALA A 101 9.42 -3.15 11.52
CA ALA A 101 9.08 -3.01 10.11
C ALA A 101 9.71 -1.75 9.55
N THR A 102 9.92 -1.73 8.24
CA THR A 102 10.35 -0.52 7.55
C THR A 102 9.27 -0.10 6.58
N LEU A 103 8.76 1.12 6.75
CA LEU A 103 7.81 1.68 5.82
C LEU A 103 8.56 2.29 4.64
N ILE A 104 8.40 1.70 3.46
CA ILE A 104 9.07 2.20 2.26
C ILE A 104 8.20 3.18 1.49
N ILE A 105 8.71 4.40 1.34
CA ILE A 105 7.99 5.45 0.65
C ILE A 105 8.75 5.92 -0.58
N ASN A 106 8.04 6.16 -1.66
CA ASN A 106 8.66 6.61 -2.90
C ASN A 106 7.69 7.44 -3.74
N THR A 107 7.72 8.75 -3.53
CA THR A 107 6.95 9.68 -4.33
C THR A 107 7.87 10.82 -4.77
N GLU A 108 7.43 11.61 -5.73
CA GLU A 108 8.23 12.73 -6.21
C GLU A 108 8.63 13.64 -5.06
N HIS A 109 7.75 13.78 -4.07
CA HIS A 109 8.00 14.64 -2.92
C HIS A 109 8.79 13.93 -1.82
N MET A 110 8.57 12.63 -1.67
CA MET A 110 9.31 11.82 -0.71
C MET A 110 9.90 10.61 -1.40
N PRO A 111 11.00 10.81 -2.16
CA PRO A 111 11.60 9.74 -2.96
C PRO A 111 12.45 8.77 -2.14
N SER A 112 12.45 7.50 -2.53
CA SER A 112 13.28 6.47 -1.93
C SER A 112 13.56 6.73 -0.46
N MET A 113 12.56 6.50 0.37
CA MET A 113 12.63 6.83 1.79
C MET A 113 12.27 5.65 2.67
N PHE A 114 13.13 5.35 3.64
CA PHE A 114 12.86 4.30 4.61
C PHE A 114 12.45 4.91 5.95
N VAL A 115 11.30 4.49 6.46
CA VAL A 115 10.78 5.01 7.72
C VAL A 115 10.70 3.91 8.76
N PRO A 116 11.41 4.07 9.88
CA PRO A 116 11.45 3.07 10.95
C PRO A 116 10.19 3.13 11.80
N VAL A 117 9.11 2.51 11.33
CA VAL A 117 7.85 2.55 12.04
C VAL A 117 7.85 1.65 13.28
N GLY A 118 8.74 0.66 13.28
CA GLY A 118 8.87 -0.25 14.41
C GLY A 118 7.88 -1.40 14.38
N ASP A 119 7.42 -1.82 15.55
CA ASP A 119 6.45 -2.90 15.68
C ASP A 119 5.18 -2.65 14.87
N VAL A 120 4.62 -3.71 14.31
CA VAL A 120 3.37 -3.64 13.58
C VAL A 120 2.39 -4.66 14.14
N VAL A 121 1.29 -4.20 14.70
CA VAL A 121 0.31 -5.05 15.35
C VAL A 121 -1.01 -5.16 14.60
N GLN A 122 -1.72 -6.25 14.77
CA GLN A 122 -3.09 -6.40 14.35
C GLN A 122 -3.95 -5.28 14.93
N TYR A 123 -4.74 -4.64 14.11
CA TYR A 123 -5.56 -3.52 14.59
C TYR A 123 -7.05 -3.76 14.30
N GLY A 124 -7.37 -4.15 13.07
CA GLY A 124 -8.72 -4.51 12.71
C GLY A 124 -9.55 -3.34 12.17
N PHE A 125 -10.62 -3.00 12.88
CA PHE A 125 -11.51 -1.93 12.46
C PHE A 125 -10.85 -0.56 12.57
N LEU A 126 -11.01 0.25 11.53
CA LEU A 126 -10.54 1.63 11.54
C LEU A 126 -11.50 2.50 10.76
N ASN A 127 -11.90 3.62 11.37
CA ASN A 127 -12.72 4.59 10.67
C ASN A 127 -11.82 5.60 9.97
N LEU A 128 -11.50 5.31 8.71
CA LEU A 128 -10.56 6.13 7.94
C LEU A 128 -11.26 7.27 7.21
N SER A 129 -11.13 8.49 7.74
CA SER A 129 -11.81 9.65 7.18
C SER A 129 -13.30 9.39 6.98
N GLY A 130 -13.96 8.88 8.01
CA GLY A 130 -15.39 8.67 7.99
C GLY A 130 -15.84 7.40 7.29
N LYS A 131 -14.87 6.60 6.87
CA LYS A 131 -15.17 5.37 6.15
C LYS A 131 -14.76 4.14 6.94
N PRO A 132 -15.72 3.26 7.25
CA PRO A 132 -15.41 2.00 7.93
C PRO A 132 -14.41 1.18 7.13
N THR A 133 -13.41 0.64 7.81
CA THR A 133 -12.34 -0.10 7.16
C THR A 133 -11.95 -1.31 8.01
N HIS A 134 -11.64 -2.42 7.36
CA HIS A 134 -11.29 -3.64 8.08
C HIS A 134 -9.90 -4.16 7.74
N ARG A 135 -9.42 -5.12 8.54
CA ARG A 135 -8.16 -5.82 8.30
C ARG A 135 -6.94 -4.90 8.33
N THR A 136 -7.01 -3.84 9.11
CA THR A 136 -5.89 -2.89 9.20
C THR A 136 -4.89 -3.30 10.28
N MET A 137 -3.67 -2.80 10.16
CA MET A 137 -2.65 -2.99 11.19
C MET A 137 -2.09 -1.63 11.57
N MET A 138 -1.42 -1.55 12.71
CA MET A 138 -1.00 -0.26 13.25
C MET A 138 0.45 -0.26 13.72
N TYR A 139 1.10 0.90 13.56
CA TYR A 139 2.44 1.11 14.08
C TYR A 139 2.51 2.44 14.81
N ASN A 140 3.18 2.46 15.95
CA ASN A 140 3.33 3.68 16.73
C ASN A 140 4.42 4.58 16.18
N PHE A 141 4.11 5.28 15.08
CA PHE A 141 5.01 6.22 14.46
C PHE A 141 4.19 7.36 13.87
N PRO A 142 4.67 8.61 14.03
CA PRO A 142 3.94 9.77 13.51
C PRO A 142 4.02 9.89 12.00
N THR A 143 3.35 8.99 11.28
CA THR A 143 3.28 9.07 9.83
C THR A 143 2.52 10.33 9.41
N LYS A 144 2.84 10.85 8.23
CA LYS A 144 2.26 12.11 7.76
C LYS A 144 1.72 12.02 6.34
N ALA A 145 1.01 13.07 5.93
CA ALA A 145 0.39 13.13 4.61
C ALA A 145 1.42 12.96 3.50
N GLY A 146 1.04 12.19 2.47
CA GLY A 146 1.92 11.93 1.35
C GLY A 146 2.64 10.59 1.46
N GLN A 147 2.33 9.84 2.52
CA GLN A 147 2.98 8.56 2.74
C GLN A 147 2.08 7.37 2.41
N ALA A 148 0.82 7.65 2.08
CA ALA A 148 -0.12 6.60 1.69
C ALA A 148 0.38 5.86 0.47
N GLY A 149 0.18 4.55 0.43
CA GLY A 149 0.71 3.72 -0.63
C GLY A 149 2.05 3.13 -0.23
N GLY A 150 2.64 3.66 0.83
CA GLY A 150 3.91 3.17 1.34
C GLY A 150 3.87 1.69 1.63
N VAL A 151 4.95 0.99 1.32
CA VAL A 151 5.03 -0.46 1.52
C VAL A 151 5.64 -0.82 2.86
N VAL A 152 4.89 -1.53 3.70
CA VAL A 152 5.39 -1.96 5.00
C VAL A 152 6.06 -3.32 4.88
N THR A 153 7.36 -3.36 5.14
CA THR A 153 8.14 -4.60 5.01
C THR A 153 8.77 -5.02 6.33
N SER A 154 9.03 -6.32 6.46
CA SER A 154 9.67 -6.85 7.67
C SER A 154 10.26 -8.24 7.45
N VAL A 155 11.55 -8.35 7.63
CA VAL A 155 12.20 -9.63 7.52
C VAL A 155 11.85 -10.37 6.23
N GLY A 156 12.02 -9.71 5.09
CA GLY A 156 11.76 -10.36 3.81
C GLY A 156 10.30 -10.54 3.47
N LYS A 157 9.43 -9.85 4.19
CA LYS A 157 7.99 -9.95 3.93
C LYS A 157 7.37 -8.59 3.59
N ILE A 158 6.38 -8.62 2.72
CA ILE A 158 5.58 -7.44 2.41
C ILE A 158 4.23 -7.62 3.09
N ILE A 159 4.03 -6.94 4.21
CA ILE A 159 2.90 -7.24 5.09
C ILE A 159 1.74 -6.25 4.98
N GLY A 160 1.98 -5.09 4.38
CA GLY A 160 0.94 -4.07 4.32
C GLY A 160 1.22 -2.87 3.42
N ILE A 161 0.17 -2.09 3.20
CA ILE A 161 0.27 -0.85 2.43
C ILE A 161 -0.25 0.28 3.31
N HIS A 162 0.56 1.32 3.50
CA HIS A 162 0.15 2.44 4.34
C HIS A 162 -1.07 3.16 3.76
N ILE A 163 -2.03 3.49 4.62
CA ILE A 163 -3.27 4.10 4.17
C ILE A 163 -3.63 5.38 4.95
N GLY A 164 -3.26 5.45 6.22
CA GLY A 164 -3.61 6.61 7.02
C GLY A 164 -2.87 6.74 8.34
N GLY A 165 -3.26 7.75 9.12
CA GLY A 165 -2.64 8.02 10.41
C GLY A 165 -3.45 8.97 11.27
N ASN A 166 -3.21 8.95 12.57
CA ASN A 166 -3.94 9.80 13.51
C ASN A 166 -3.05 10.81 14.23
N GLY A 167 -1.85 11.01 13.71
CA GLY A 167 -0.91 11.94 14.33
C GLY A 167 0.23 11.24 15.04
N ARG A 168 -0.10 10.26 15.87
CA ARG A 168 0.92 9.53 16.62
C ARG A 168 1.06 8.09 16.14
N GLN A 169 0.11 7.64 15.34
CA GLN A 169 0.10 6.26 14.87
C GLN A 169 -0.12 6.18 13.36
N GLY A 170 0.43 5.13 12.76
CA GLY A 170 0.25 4.89 11.34
C GLY A 170 -0.58 3.64 11.10
N PHE A 171 -1.31 3.61 10.00
CA PHE A 171 -2.14 2.46 9.69
C PHE A 171 -1.91 1.96 8.29
N CYS A 172 -1.97 0.64 8.12
CA CYS A 172 -1.82 0.03 6.81
C CYS A 172 -2.91 -1.00 6.56
N ALA A 173 -3.22 -1.22 5.28
CA ALA A 173 -4.13 -2.28 4.90
C ALA A 173 -3.34 -3.58 4.83
N GLY A 174 -3.81 -4.60 5.54
CA GLY A 174 -3.14 -5.88 5.56
C GLY A 174 -3.03 -6.53 4.19
N LEU A 175 -1.96 -7.28 3.99
CA LEU A 175 -1.72 -7.93 2.69
C LEU A 175 -1.77 -9.45 2.81
N LYS A 176 -2.65 -10.08 2.06
CA LYS A 176 -2.77 -11.52 1.91
C LYS A 176 -2.28 -11.90 0.53
N ARG A 177 -1.52 -12.98 0.40
CA ARG A 177 -1.13 -13.48 -0.91
C ARG A 177 -2.35 -13.84 -1.74
N GLY A 178 -3.41 -14.24 -1.05
CA GLY A 178 -4.66 -14.64 -1.69
C GLY A 178 -5.31 -13.56 -2.54
N TYR A 179 -5.07 -12.31 -2.18
CA TYR A 179 -5.62 -11.18 -2.93
C TYR A 179 -5.19 -11.22 -4.39
N PHE A 180 -4.05 -11.85 -4.63
CA PHE A 180 -3.40 -11.77 -5.93
C PHE A 180 -3.47 -13.08 -6.70
N ALA A 181 -4.37 -13.97 -6.28
CA ALA A 181 -4.55 -15.23 -6.98
C ALA A 181 -4.86 -14.99 -8.45
N SER A 182 -4.27 -15.80 -9.32
CA SER A 182 -4.43 -15.66 -10.76
C SER A 182 -5.86 -15.92 -11.23
N GLU A 183 -6.14 -15.59 -12.48
CA GLU A 183 -7.46 -15.84 -13.07
C GLU A 183 -7.37 -16.96 -14.10
N GLY B 3 -15.08 8.34 19.82
CA GLY B 3 -14.02 9.06 19.15
C GLY B 3 -12.74 8.26 19.08
N LEU B 4 -12.87 6.94 19.06
CA LEU B 4 -11.72 6.05 18.99
C LEU B 4 -11.69 5.28 17.66
N ARG B 5 -10.61 4.54 17.43
CA ARG B 5 -10.43 3.81 16.19
C ARG B 5 -10.49 4.76 15.00
N GLN B 6 -10.00 5.98 15.17
CA GLN B 6 -10.10 6.99 14.13
C GLN B 6 -8.76 7.36 13.49
N ALA B 7 -8.81 7.73 12.22
CA ALA B 7 -7.64 8.17 11.48
C ALA B 7 -8.07 8.91 10.21
N VAL B 8 -7.12 9.59 9.58
CA VAL B 8 -7.38 10.25 8.30
C VAL B 8 -6.44 9.70 7.25
N THR B 9 -6.91 9.66 6.00
CA THR B 9 -6.08 9.24 4.89
C THR B 9 -4.85 10.13 4.82
N GLN B 10 -3.77 9.59 4.37
CA GLN B 10 -2.54 10.30 4.35
C GLN B 10 -1.98 10.08 2.98
#